data_7HS6
#
_entry.id   7HS6
#
_cell.length_a   99.500
_cell.length_b   99.495
_cell.length_c   129.292
_cell.angle_alpha   90.00
_cell.angle_beta   90.00
_cell.angle_gamma   90.00
#
_symmetry.space_group_name_H-M   'I 2 2 2'
#
loop_
_entity.id
_entity.type
_entity.pdbx_description
1 polymer 'Oleoyl-acyl carrier protein thioesterase 1, chloroplastic'
2 non-polymer ~{N}-[2-(5-fluoranyl-1~{H}-indol-3-yl)ethyl]ethanamide
3 water water
#
_entity_poly.entity_id   1
_entity_poly.type   'polypeptide(L)'
_entity_poly.pdbx_seq_one_letter_code
;MGSLTEDGLSYKEKFVVRSYEVGSNKTATVETIANLLQEVGCNHAQSVGFSTDGFATTTTMRKLHLIWVTARMHIEIYKY
PAWGDVVEIETWCQSEGRIGTRRDWILKDSVTGEVTGRATSKWVMMNQDTRRLQKVSDDVRDEYLVFCPQEPRLAFPEEN
NRSLKKIPKLEDPAQYSMIGLKPRRADLDMNQHVNNVTYIGWVLESIPQEIVDTHELQVITLDYRRECQQDDVVDSLTTT
TSEIGGTNGSATSGTQGHNDSQFLHLLRLSGDGQEINRGTTLWRKKPSSHHHHHH
;
_entity_poly.pdbx_strand_id   A,B
#
loop_
_chem_comp.id
_chem_comp.type
_chem_comp.name
_chem_comp.formula
HWH non-polymer ~{N}-[2-(5-fluoranyl-1~{H}-indol-3-yl)ethyl]ethanamide 'C12 H13 F N2 O'
#
# COMPACT_ATOMS: atom_id res chain seq x y z
N GLY A 2 -8.18 18.63 1.23
CA GLY A 2 -8.55 18.64 2.65
C GLY A 2 -8.48 20.02 3.27
N SER A 3 -9.22 20.24 4.36
CA SER A 3 -9.22 21.54 5.02
C SER A 3 -9.69 21.51 6.48
N LEU A 4 -9.24 22.50 7.27
CA LEU A 4 -9.67 22.66 8.65
C LEU A 4 -11.11 23.19 8.67
N THR A 5 -11.91 22.75 9.65
CA THR A 5 -13.29 23.25 9.76
C THR A 5 -13.29 24.75 10.15
N GLU A 6 -14.46 25.42 10.13
CA GLU A 6 -14.52 26.85 10.45
C GLU A 6 -13.89 27.21 11.78
N ASP A 7 -14.11 26.39 12.81
CA ASP A 7 -13.55 26.65 14.13
C ASP A 7 -12.03 26.36 14.24
N GLY A 8 -11.48 25.63 13.27
CA GLY A 8 -10.08 25.23 13.27
C GLY A 8 -9.78 24.19 14.33
N LEU A 9 -10.81 23.45 14.78
CA LEU A 9 -10.70 22.43 15.83
C LEU A 9 -10.86 20.98 15.36
N SER A 10 -10.94 20.77 14.04
CA SER A 10 -11.04 19.46 13.38
C SER A 10 -10.70 19.59 11.87
N TYR A 11 -10.30 18.49 11.23
CA TYR A 11 -9.88 18.54 9.82
C TYR A 11 -10.70 17.58 8.96
N LYS A 12 -11.11 18.01 7.75
CA LYS A 12 -11.88 17.15 6.84
C LYS A 12 -11.10 16.87 5.55
N GLU A 13 -11.24 15.65 4.98
CA GLU A 13 -10.58 15.30 3.72
C GLU A 13 -11.38 14.27 2.93
N LYS A 14 -11.38 14.40 1.60
CA LYS A 14 -12.10 13.46 0.74
C LYS A 14 -11.10 12.62 -0.03
N PHE A 15 -11.30 11.29 -0.03
CA PHE A 15 -10.44 10.33 -0.71
C PHE A 15 -11.24 9.51 -1.70
N VAL A 16 -10.66 9.22 -2.88
CA VAL A 16 -11.34 8.37 -3.86
C VAL A 16 -10.70 7.00 -3.75
N VAL A 17 -11.52 5.94 -3.56
CA VAL A 17 -10.98 4.60 -3.39
C VAL A 17 -10.38 4.05 -4.70
N ARG A 18 -9.09 3.69 -4.65
CA ARG A 18 -8.31 3.20 -5.78
C ARG A 18 -8.42 1.71 -5.99
N SER A 19 -8.16 1.26 -7.22
CA SER A 19 -8.21 -0.13 -7.64
C SER A 19 -7.34 -1.04 -6.78
N TYR A 20 -6.11 -0.61 -6.45
CA TYR A 20 -5.22 -1.42 -5.60
C TYR A 20 -5.61 -1.40 -4.11
N GLU A 21 -6.60 -0.58 -3.73
CA GLU A 21 -7.02 -0.44 -2.34
C GLU A 21 -8.20 -1.35 -1.95
N VAL A 22 -8.76 -2.13 -2.92
CA VAL A 22 -9.92 -2.98 -2.68
C VAL A 22 -9.60 -4.48 -2.63
N GLY A 23 -10.46 -5.23 -1.93
CA GLY A 23 -10.34 -6.67 -1.76
C GLY A 23 -11.21 -7.50 -2.70
N SER A 24 -11.53 -8.73 -2.28
N SER A 24 -11.53 -8.74 -2.29
N SER A 24 -11.53 -8.73 -2.28
CA SER A 24 -12.33 -9.68 -3.05
CA SER A 24 -12.33 -9.66 -3.09
CA SER A 24 -12.33 -9.68 -3.05
C SER A 24 -13.74 -9.16 -3.39
C SER A 24 -13.73 -9.16 -3.40
C SER A 24 -13.74 -9.16 -3.39
N ASN A 25 -14.37 -8.48 -2.44
CA ASN A 25 -15.72 -7.96 -2.65
C ASN A 25 -15.80 -6.53 -3.20
N LYS A 26 -14.76 -6.12 -3.98
CA LYS A 26 -14.64 -4.82 -4.67
C LYS A 26 -14.75 -3.58 -3.77
N THR A 27 -14.58 -3.74 -2.44
CA THR A 27 -14.61 -2.61 -1.52
C THR A 27 -13.26 -2.45 -0.79
N ALA A 28 -13.00 -1.24 -0.27
CA ALA A 28 -11.78 -0.91 0.46
C ALA A 28 -11.47 -1.88 1.60
N THR A 29 -10.20 -2.26 1.77
CA THR A 29 -9.81 -3.16 2.84
C THR A 29 -9.64 -2.39 4.16
N VAL A 30 -9.63 -3.09 5.31
CA VAL A 30 -9.47 -2.42 6.61
C VAL A 30 -8.10 -1.75 6.72
N GLU A 31 -7.09 -2.27 6.00
CA GLU A 31 -5.76 -1.67 5.98
C GLU A 31 -5.76 -0.40 5.13
N THR A 32 -6.58 -0.37 4.05
CA THR A 32 -6.71 0.84 3.24
C THR A 32 -7.39 1.92 4.08
N ILE A 33 -8.44 1.55 4.83
CA ILE A 33 -9.11 2.46 5.75
C ILE A 33 -8.13 2.99 6.81
N ALA A 34 -7.34 2.08 7.43
CA ALA A 34 -6.32 2.42 8.43
C ALA A 34 -5.28 3.41 7.90
N ASN A 35 -4.95 3.29 6.61
CA ASN A 35 -4.02 4.17 5.90
C ASN A 35 -4.62 5.56 5.69
N LEU A 36 -5.91 5.62 5.30
CA LEU A 36 -6.63 6.88 5.09
C LEU A 36 -6.74 7.64 6.40
N LEU A 37 -6.90 6.93 7.55
CA LEU A 37 -6.99 7.55 8.86
C LEU A 37 -5.66 8.19 9.25
N GLN A 38 -4.54 7.55 8.89
CA GLN A 38 -3.23 8.09 9.22
C GLN A 38 -2.83 9.21 8.27
N GLU A 39 -3.31 9.18 7.01
CA GLU A 39 -3.04 10.23 6.04
C GLU A 39 -3.79 11.51 6.44
N VAL A 40 -5.05 11.39 6.91
CA VAL A 40 -5.80 12.58 7.32
C VAL A 40 -5.24 13.18 8.64
N GLY A 41 -4.65 12.34 9.50
CA GLY A 41 -4.01 12.81 10.72
C GLY A 41 -2.74 13.60 10.42
N CYS A 42 -2.00 13.19 9.37
N CYS A 42 -2.02 13.19 9.37
N CYS A 42 -2.00 13.19 9.37
CA CYS A 42 -0.78 13.88 8.98
CA CYS A 42 -0.79 13.81 8.91
CA CYS A 42 -0.78 13.88 8.98
C CYS A 42 -1.10 15.26 8.42
C CYS A 42 -1.08 15.22 8.39
C CYS A 42 -1.10 15.26 8.42
N ASN A 43 -2.16 15.38 7.63
CA ASN A 43 -2.56 16.66 7.06
C ASN A 43 -3.18 17.58 8.10
N HIS A 44 -3.85 17.02 9.13
CA HIS A 44 -4.40 17.83 10.21
C HIS A 44 -3.23 18.48 10.98
N ALA A 45 -2.15 17.71 11.24
CA ALA A 45 -0.97 18.24 11.94
C ALA A 45 -0.27 19.34 11.11
N GLN A 46 -0.09 19.13 9.81
CA GLN A 46 0.54 20.09 8.91
C GLN A 46 -0.27 21.39 8.82
N SER A 47 -1.61 21.29 8.77
N SER A 47 -1.60 21.30 8.76
N SER A 47 -1.61 21.29 8.77
CA SER A 47 -2.50 22.45 8.65
CA SER A 47 -2.48 22.46 8.64
CA SER A 47 -2.50 22.45 8.65
C SER A 47 -2.47 23.33 9.88
C SER A 47 -2.45 23.35 9.88
C SER A 47 -2.47 23.33 9.88
N VAL A 48 -2.25 22.76 11.07
CA VAL A 48 -2.22 23.54 12.30
C VAL A 48 -0.79 23.98 12.70
N GLY A 49 0.20 23.70 11.85
CA GLY A 49 1.58 24.08 12.10
C GLY A 49 2.40 23.04 12.82
N PHE A 50 2.63 21.88 12.18
CA PHE A 50 3.44 20.78 12.73
C PHE A 50 4.40 20.18 11.66
N SER A 51 5.27 19.24 12.09
CA SER A 51 6.22 18.55 11.23
C SER A 51 6.60 17.18 11.83
N ALA A 56 3.87 15.18 14.62
CA ALA A 56 3.10 16.24 15.27
C ALA A 56 3.70 16.53 16.66
N THR A 57 4.96 16.98 16.68
CA THR A 57 5.70 17.28 17.91
C THR A 57 5.96 18.78 18.05
N THR A 58 5.79 19.34 19.26
CA THR A 58 6.06 20.77 19.53
C THR A 58 7.57 21.07 19.57
N THR A 59 7.96 22.33 19.76
CA THR A 59 9.36 22.72 19.89
C THR A 59 9.95 22.16 21.20
N THR A 60 9.12 22.06 22.27
CA THR A 60 9.49 21.51 23.57
C THR A 60 9.68 19.99 23.46
N MET A 61 8.82 19.31 22.69
N MET A 61 8.82 19.31 22.69
N MET A 61 8.82 19.31 22.69
CA MET A 61 8.89 17.87 22.48
CA MET A 61 8.92 17.86 22.50
CA MET A 61 8.89 17.87 22.48
C MET A 61 10.18 17.50 21.73
C MET A 61 10.18 17.49 21.72
C MET A 61 10.18 17.50 21.73
N ARG A 62 10.53 18.30 20.72
CA ARG A 62 11.74 18.05 19.93
C ARG A 62 13.00 18.31 20.77
N LYS A 63 12.95 19.35 21.62
CA LYS A 63 14.01 19.74 22.52
C LYS A 63 14.32 18.61 23.51
N LEU A 64 13.27 17.94 24.02
CA LEU A 64 13.45 16.88 25.00
C LEU A 64 13.50 15.47 24.42
N HIS A 65 13.50 15.34 23.07
CA HIS A 65 13.56 14.04 22.39
C HIS A 65 12.34 13.16 22.73
N LEU A 66 11.14 13.75 22.71
CA LEU A 66 9.89 13.07 22.99
C LEU A 66 9.08 12.94 21.72
N ILE A 67 8.38 11.81 21.58
CA ILE A 67 7.51 11.53 20.44
C ILE A 67 6.15 10.99 20.92
N TRP A 68 5.12 11.03 20.05
CA TRP A 68 3.81 10.49 20.35
C TRP A 68 3.74 9.10 19.76
N VAL A 69 3.35 8.09 20.55
CA VAL A 69 3.21 6.73 20.04
C VAL A 69 1.77 6.21 20.25
N THR A 70 1.30 5.29 19.38
CA THR A 70 -0.04 4.73 19.53
C THR A 70 -0.03 3.59 20.56
N ALA A 71 -0.94 3.63 21.51
CA ALA A 71 -1.09 2.60 22.54
C ALA A 71 -2.33 1.71 22.30
N ARG A 72 -3.34 2.21 21.59
CA ARG A 72 -4.54 1.47 21.29
C ARG A 72 -5.19 2.06 20.04
N MET A 73 -5.66 1.19 19.12
CA MET A 73 -6.35 1.63 17.91
C MET A 73 -7.65 0.86 17.81
N HIS A 74 -8.77 1.57 17.85
CA HIS A 74 -10.08 0.94 17.78
C HIS A 74 -10.81 1.43 16.52
N ILE A 75 -11.23 0.50 15.63
CA ILE A 75 -11.89 0.86 14.37
C ILE A 75 -13.21 0.10 14.19
N GLU A 76 -14.33 0.83 13.98
CA GLU A 76 -15.62 0.19 13.71
C GLU A 76 -16.14 0.64 12.34
N ILE A 77 -16.43 -0.32 11.43
CA ILE A 77 -16.90 -0.04 10.08
C ILE A 77 -18.29 -0.60 9.86
N TYR A 78 -19.20 0.18 9.27
CA TYR A 78 -20.55 -0.30 8.96
C TYR A 78 -20.64 -0.65 7.47
N LYS A 79 -20.03 0.19 6.62
CA LYS A 79 -20.00 -0.03 5.19
C LYS A 79 -18.63 0.39 4.67
N TYR A 80 -17.98 -0.49 3.92
CA TYR A 80 -16.67 -0.20 3.33
C TYR A 80 -16.89 0.51 2.01
N PRO A 81 -16.18 1.63 1.74
CA PRO A 81 -16.40 2.33 0.46
C PRO A 81 -16.00 1.48 -0.73
N ALA A 82 -16.74 1.59 -1.83
CA ALA A 82 -16.43 0.82 -3.04
C ALA A 82 -15.39 1.52 -3.90
N TRP A 83 -14.71 0.77 -4.77
CA TRP A 83 -13.70 1.24 -5.71
C TRP A 83 -14.33 2.29 -6.64
N GLY A 84 -13.87 3.52 -6.49
CA GLY A 84 -14.39 4.64 -7.26
C GLY A 84 -15.18 5.62 -6.41
N ASP A 85 -15.73 5.14 -5.27
CA ASP A 85 -16.51 5.98 -4.37
C ASP A 85 -15.62 6.95 -3.61
N VAL A 86 -16.19 8.10 -3.24
CA VAL A 86 -15.49 9.12 -2.46
C VAL A 86 -15.90 8.95 -1.00
N VAL A 87 -14.95 9.07 -0.07
CA VAL A 87 -15.24 8.95 1.36
C VAL A 87 -14.68 10.18 2.09
N GLU A 88 -15.51 10.85 2.90
CA GLU A 88 -15.05 12.02 3.64
C GLU A 88 -14.73 11.65 5.09
N ILE A 89 -13.50 11.96 5.54
CA ILE A 89 -13.06 11.66 6.91
C ILE A 89 -12.79 12.92 7.73
N GLU A 90 -13.45 13.04 8.90
CA GLU A 90 -13.22 14.17 9.81
C GLU A 90 -12.45 13.68 11.04
N THR A 91 -11.32 14.33 11.35
CA THR A 91 -10.52 13.94 12.49
C THR A 91 -10.29 15.09 13.47
N TRP A 92 -10.01 14.77 14.73
CA TRP A 92 -9.74 15.73 15.78
C TRP A 92 -9.07 15.07 16.97
N CYS A 93 -8.28 15.85 17.71
CA CYS A 93 -7.58 15.35 18.89
C CYS A 93 -8.20 15.92 20.15
N GLN A 94 -8.02 15.22 21.28
CA GLN A 94 -8.47 15.72 22.57
C GLN A 94 -7.54 15.35 23.70
N SER A 95 -7.39 16.27 24.65
CA SER A 95 -6.54 16.10 25.81
C SER A 95 -7.21 15.15 26.79
N GLU A 96 -6.50 14.10 27.21
CA GLU A 96 -7.03 13.15 28.18
C GLU A 96 -6.24 13.27 29.47
N GLY A 97 -6.06 14.52 29.92
CA GLY A 97 -5.32 14.83 31.14
C GLY A 97 -3.85 14.49 31.03
N ARG A 98 -3.22 14.15 32.17
CA ARG A 98 -1.81 13.80 32.17
C ARG A 98 -1.52 12.39 31.63
N ILE A 99 -2.54 11.67 31.12
CA ILE A 99 -2.30 10.33 30.58
C ILE A 99 -1.72 10.44 29.16
N GLY A 100 -2.35 11.27 28.35
CA GLY A 100 -1.95 11.49 26.97
C GLY A 100 -3.08 12.11 26.17
N THR A 101 -3.09 11.88 24.86
CA THR A 101 -4.13 12.41 24.00
C THR A 101 -4.98 11.29 23.36
N ARG A 102 -6.09 11.64 22.71
CA ARG A 102 -6.97 10.70 22.04
C ARG A 102 -7.36 11.26 20.67
N ARG A 103 -7.13 10.52 19.56
CA ARG A 103 -7.53 11.03 18.24
C ARG A 103 -8.72 10.26 17.70
N ASP A 104 -9.78 10.98 17.30
CA ASP A 104 -10.99 10.34 16.77
C ASP A 104 -11.20 10.60 15.27
N TRP A 105 -12.02 9.75 14.63
CA TRP A 105 -12.35 9.87 13.20
C TRP A 105 -13.81 9.53 12.94
N ILE A 106 -14.37 10.08 11.86
CA ILE A 106 -15.74 9.81 11.41
C ILE A 106 -15.66 9.64 9.90
N LEU A 107 -15.98 8.46 9.39
CA LEU A 107 -15.98 8.19 7.96
C LEU A 107 -17.40 8.36 7.45
N LYS A 108 -17.57 9.10 6.36
CA LYS A 108 -18.89 9.35 5.80
C LYS A 108 -18.93 9.14 4.30
N ASP A 109 -20.09 8.79 3.77
CA ASP A 109 -20.29 8.64 2.33
C ASP A 109 -20.38 10.07 1.78
N SER A 110 -19.59 10.41 0.75
CA SER A 110 -19.60 11.75 0.19
C SER A 110 -20.91 12.09 -0.56
N VAL A 111 -21.68 11.07 -0.96
CA VAL A 111 -22.93 11.31 -1.69
C VAL A 111 -24.11 11.48 -0.74
N THR A 112 -24.31 10.53 0.17
CA THR A 112 -25.45 10.52 1.08
C THR A 112 -25.23 11.28 2.40
N GLY A 113 -23.97 11.42 2.81
CA GLY A 113 -23.63 12.06 4.08
C GLY A 113 -23.77 11.15 5.29
N GLU A 114 -24.04 9.85 5.07
CA GLU A 114 -24.23 8.90 6.16
C GLU A 114 -22.90 8.46 6.74
N VAL A 115 -22.86 8.23 8.06
CA VAL A 115 -21.66 7.78 8.75
C VAL A 115 -21.44 6.31 8.47
N THR A 116 -20.47 5.95 7.61
CA THR A 116 -20.20 4.55 7.29
C THR A 116 -19.12 3.88 8.14
N GLY A 117 -18.54 4.61 9.08
CA GLY A 117 -17.50 4.09 9.96
C GLY A 117 -16.98 5.13 10.92
N ARG A 118 -16.21 4.69 11.92
CA ARG A 118 -15.64 5.58 12.93
C ARG A 118 -14.49 4.90 13.67
N ALA A 119 -13.53 5.69 14.14
CA ALA A 119 -12.35 5.16 14.82
C ALA A 119 -11.90 6.06 15.97
N THR A 120 -11.14 5.51 16.92
CA THR A 120 -10.55 6.24 18.04
C THR A 120 -9.17 5.64 18.34
N SER A 121 -8.29 6.42 18.95
CA SER A 121 -6.95 5.94 19.27
C SER A 121 -6.40 6.60 20.52
N LYS A 122 -5.64 5.87 21.35
CA LYS A 122 -5.03 6.46 22.54
C LYS A 122 -3.54 6.66 22.27
N TRP A 123 -3.08 7.91 22.32
CA TRP A 123 -1.67 8.22 22.08
C TRP A 123 -0.97 8.55 23.38
N VAL A 124 0.26 8.08 23.53
CA VAL A 124 1.06 8.32 24.72
C VAL A 124 2.37 9.05 24.36
N MET A 125 3.05 9.63 25.37
CA MET A 125 4.32 10.31 25.12
C MET A 125 5.50 9.41 25.52
N MET A 126 6.46 9.24 24.62
CA MET A 126 7.60 8.34 24.84
C MET A 126 8.91 9.00 24.44
N ASN A 127 10.01 8.70 25.15
CA ASN A 127 11.31 9.23 24.79
C ASN A 127 11.77 8.43 23.59
N GLN A 128 12.05 9.11 22.50
CA GLN A 128 12.48 8.56 21.23
C GLN A 128 13.70 7.65 21.36
N ASP A 129 14.63 7.99 22.28
CA ASP A 129 15.90 7.30 22.49
C ASP A 129 15.87 6.17 23.51
N THR A 130 15.31 6.40 24.69
CA THR A 130 15.28 5.37 25.74
C THR A 130 14.00 4.53 25.77
N ARG A 131 12.97 4.90 24.98
CA ARG A 131 11.68 4.20 24.90
C ARG A 131 10.84 4.28 26.20
N ARG A 132 11.25 5.10 27.15
CA ARG A 132 10.54 5.23 28.43
C ARG A 132 9.34 6.13 28.29
N LEU A 133 8.15 5.60 28.60
CA LEU A 133 6.92 6.37 28.54
C LEU A 133 6.86 7.37 29.69
N GLN A 134 6.11 8.46 29.49
CA GLN A 134 5.95 9.46 30.55
C GLN A 134 4.68 10.27 30.39
N LYS A 135 4.14 10.70 31.53
CA LYS A 135 2.93 11.49 31.60
C LYS A 135 3.20 12.90 31.06
N VAL A 136 2.24 13.44 30.30
CA VAL A 136 2.33 14.74 29.65
C VAL A 136 2.56 15.88 30.66
N SER A 137 3.66 16.63 30.50
CA SER A 137 3.92 17.76 31.40
C SER A 137 3.01 18.96 31.05
N ASP A 138 2.85 19.91 31.99
CA ASP A 138 2.00 21.07 31.77
C ASP A 138 2.37 21.89 30.53
N ASP A 139 3.65 22.26 30.38
CA ASP A 139 4.16 23.06 29.26
C ASP A 139 3.87 22.43 27.89
N VAL A 140 3.84 21.10 27.83
CA VAL A 140 3.55 20.38 26.60
C VAL A 140 2.05 20.48 26.30
N ARG A 141 1.22 20.26 27.32
CA ARG A 141 -0.24 20.36 27.23
C ARG A 141 -0.72 21.74 26.78
N ASP A 142 -0.04 22.83 27.21
CA ASP A 142 -0.42 24.19 26.83
C ASP A 142 -0.26 24.46 25.34
N GLU A 143 0.66 23.76 24.68
CA GLU A 143 0.90 23.95 23.25
C GLU A 143 -0.08 23.22 22.36
N TYR A 144 -0.75 22.17 22.86
CA TYR A 144 -1.67 21.37 22.08
C TYR A 144 -3.11 21.78 22.24
N LEU A 145 -3.48 22.22 23.44
CA LEU A 145 -4.84 22.61 23.80
C LEU A 145 -5.49 23.61 22.87
N VAL A 146 -4.72 24.52 22.30
CA VAL A 146 -5.24 25.51 21.36
C VAL A 146 -5.70 24.91 20.02
N PHE A 147 -5.45 23.61 19.80
CA PHE A 147 -5.86 22.89 18.59
C PHE A 147 -6.94 21.81 18.85
N CYS A 148 -7.35 21.63 20.11
CA CYS A 148 -8.33 20.63 20.51
C CYS A 148 -9.62 21.30 20.94
N PRO A 149 -10.79 20.67 20.67
CA PRO A 149 -12.04 21.21 21.24
C PRO A 149 -11.99 21.13 22.76
N GLN A 150 -12.50 22.15 23.46
CA GLN A 150 -12.45 22.16 24.92
C GLN A 150 -13.52 21.29 25.56
N GLU A 151 -14.71 21.25 24.95
CA GLU A 151 -15.79 20.39 25.45
C GLU A 151 -15.60 18.99 24.87
N PRO A 152 -15.95 17.93 25.62
CA PRO A 152 -15.75 16.57 25.08
C PRO A 152 -16.49 16.27 23.78
N ARG A 153 -15.75 15.80 22.77
CA ARG A 153 -16.31 15.44 21.47
C ARG A 153 -15.83 14.03 21.15
N LEU A 154 -16.63 13.02 21.53
CA LEU A 154 -16.27 11.63 21.36
C LEU A 154 -16.91 10.96 20.15
N ALA A 155 -16.13 10.23 19.36
CA ALA A 155 -16.68 9.45 18.26
C ALA A 155 -17.42 8.22 18.83
N PHE A 156 -16.96 7.69 19.98
CA PHE A 156 -17.55 6.58 20.70
C PHE A 156 -18.03 7.07 22.09
N PRO A 157 -19.13 7.85 22.15
CA PRO A 157 -19.57 8.37 23.46
C PRO A 157 -20.17 7.32 24.39
N GLU A 158 -20.96 6.37 23.83
CA GLU A 158 -21.67 5.24 24.46
C GLU A 158 -21.39 4.98 25.95
N GLU A 159 -22.44 4.63 26.71
CA GLU A 159 -22.37 4.33 28.14
C GLU A 159 -21.48 3.11 28.44
N ASN A 160 -21.51 2.12 27.55
CA ASN A 160 -20.71 0.90 27.70
C ASN A 160 -20.08 0.58 26.33
N ASN A 161 -19.14 1.42 25.88
CA ASN A 161 -18.51 1.26 24.56
C ASN A 161 -17.44 0.15 24.48
N ARG A 162 -17.21 -0.42 23.29
CA ARG A 162 -16.21 -1.47 23.10
C ARG A 162 -14.77 -0.94 22.90
N SER A 163 -14.60 0.39 22.76
CA SER A 163 -13.28 0.99 22.60
C SER A 163 -12.45 0.99 23.89
N LEU A 164 -13.11 0.97 25.06
CA LEU A 164 -12.42 0.98 26.34
C LEU A 164 -12.53 -0.36 27.07
N LYS A 165 -12.54 -1.46 26.31
CA LYS A 165 -12.64 -2.81 26.88
C LYS A 165 -11.25 -3.40 27.10
N LYS A 166 -11.06 -4.10 28.21
CA LYS A 166 -9.76 -4.72 28.54
C LYS A 166 -9.48 -5.94 27.63
N ILE A 167 -8.29 -6.00 27.00
CA ILE A 167 -7.94 -7.13 26.13
C ILE A 167 -7.06 -8.16 26.85
N PRO A 168 -7.55 -9.42 26.98
CA PRO A 168 -6.73 -10.44 27.66
C PRO A 168 -5.66 -11.08 26.78
N LYS A 169 -4.73 -11.83 27.40
CA LYS A 169 -3.67 -12.51 26.66
C LYS A 169 -4.12 -13.89 26.23
N LEU A 170 -3.93 -14.19 24.94
CA LEU A 170 -4.28 -15.46 24.34
C LEU A 170 -3.49 -16.59 24.99
N GLU A 171 -4.20 -17.57 25.55
CA GLU A 171 -3.55 -18.72 26.17
C GLU A 171 -3.25 -19.77 25.11
N ASP A 172 -2.17 -20.53 25.30
CA ASP A 172 -1.78 -21.58 24.36
C ASP A 172 -2.46 -22.91 24.72
N PRO A 173 -2.81 -23.75 23.73
CA PRO A 173 -2.60 -23.56 22.29
C PRO A 173 -3.62 -22.66 21.58
N ALA A 174 -3.16 -21.95 20.55
CA ALA A 174 -4.03 -21.10 19.76
C ALA A 174 -4.82 -21.96 18.78
N GLN A 175 -6.04 -21.54 18.43
CA GLN A 175 -6.88 -22.31 17.52
C GLN A 175 -6.33 -22.23 16.10
N TYR A 176 -5.96 -21.03 15.67
CA TYR A 176 -5.38 -20.78 14.35
C TYR A 176 -4.03 -20.05 14.51
N SER A 177 -3.18 -20.08 13.48
CA SER A 177 -1.90 -19.40 13.55
C SER A 177 -1.25 -19.17 12.20
N MET A 178 -0.55 -18.04 12.07
CA MET A 178 0.21 -17.74 10.88
C MET A 178 1.63 -17.47 11.37
N ILE A 179 2.56 -18.35 11.00
CA ILE A 179 3.95 -18.32 11.48
C ILE A 179 4.95 -17.81 10.43
N GLY A 180 6.06 -17.22 10.89
CA GLY A 180 7.14 -16.79 10.02
C GLY A 180 6.88 -15.54 9.21
N LEU A 181 6.17 -14.58 9.82
CA LEU A 181 5.83 -13.32 9.16
C LEU A 181 7.00 -12.34 9.29
N LYS A 182 7.51 -11.84 8.16
CA LYS A 182 8.64 -10.91 8.11
C LYS A 182 8.23 -9.63 7.39
N PRO A 183 8.53 -8.46 7.96
CA PRO A 183 8.20 -7.21 7.25
C PRO A 183 9.20 -6.88 6.13
N ARG A 184 8.73 -6.31 5.03
CA ARG A 184 9.61 -5.90 3.93
C ARG A 184 9.80 -4.36 3.92
N ARG A 185 10.49 -3.77 2.92
CA ARG A 185 10.71 -2.32 2.90
C ARG A 185 9.42 -1.54 2.72
N ALA A 186 8.43 -2.12 2.02
CA ALA A 186 7.13 -1.48 1.84
C ALA A 186 6.37 -1.39 3.19
N ASP A 187 6.70 -2.26 4.16
CA ASP A 187 6.09 -2.25 5.50
C ASP A 187 6.75 -1.22 6.45
N LEU A 188 7.75 -0.47 5.98
CA LEU A 188 8.42 0.55 6.77
C LEU A 188 7.83 1.91 6.42
N ASP A 189 7.85 2.85 7.37
CA ASP A 189 7.36 4.20 7.13
C ASP A 189 8.52 5.14 6.65
N MET A 190 8.34 6.47 6.68
CA MET A 190 9.41 7.39 6.25
C MET A 190 10.61 7.45 7.22
N ASN A 191 10.49 6.80 8.40
CA ASN A 191 11.55 6.77 9.41
C ASN A 191 12.17 5.36 9.61
N GLN A 192 11.89 4.42 8.67
CA GLN A 192 12.35 3.04 8.62
C GLN A 192 11.82 2.16 9.77
N HIS A 193 10.65 2.52 10.32
CA HIS A 193 10.01 1.73 11.38
C HIS A 193 8.81 0.98 10.80
N VAL A 194 8.50 -0.23 11.32
CA VAL A 194 7.34 -0.98 10.83
C VAL A 194 6.04 -0.22 11.11
N ASN A 195 5.34 0.14 10.02
CA ASN A 195 4.08 0.86 10.04
C ASN A 195 3.06 0.16 10.95
N ASN A 196 2.25 0.92 11.71
CA ASN A 196 1.25 0.32 12.61
C ASN A 196 0.13 -0.43 11.88
N VAL A 197 -0.08 -0.11 10.59
CA VAL A 197 -1.08 -0.76 9.73
C VAL A 197 -0.67 -2.19 9.36
N THR A 198 0.64 -2.48 9.36
CA THR A 198 1.22 -3.80 9.06
C THR A 198 0.76 -4.82 10.08
N TYR A 199 0.71 -4.41 11.38
CA TYR A 199 0.25 -5.23 12.51
C TYR A 199 -1.22 -5.62 12.34
N ILE A 200 -2.04 -4.75 11.72
CA ILE A 200 -3.44 -5.02 11.44
C ILE A 200 -3.51 -6.18 10.44
N GLY A 201 -2.68 -6.13 9.40
CA GLY A 201 -2.61 -7.16 8.38
C GLY A 201 -2.15 -8.49 8.94
N TRP A 202 -1.12 -8.45 9.81
CA TRP A 202 -0.57 -9.63 10.48
C TRP A 202 -1.58 -10.26 11.44
N VAL A 203 -2.44 -9.46 12.08
CA VAL A 203 -3.46 -9.98 12.99
C VAL A 203 -4.51 -10.76 12.18
N LEU A 204 -4.94 -10.20 11.05
CA LEU A 204 -5.94 -10.85 10.20
C LEU A 204 -5.38 -12.04 9.39
N GLU A 205 -4.05 -12.24 9.38
CA GLU A 205 -3.44 -13.36 8.65
C GLU A 205 -3.81 -14.72 9.28
N SER A 206 -3.99 -14.75 10.62
CA SER A 206 -4.36 -15.98 11.30
C SER A 206 -5.86 -16.28 11.26
N ILE A 207 -6.70 -15.36 10.77
CA ILE A 207 -8.14 -15.60 10.62
C ILE A 207 -8.30 -16.56 9.44
N PRO A 208 -9.03 -17.67 9.61
CA PRO A 208 -9.20 -18.62 8.49
C PRO A 208 -9.84 -17.99 7.26
N GLN A 209 -9.38 -18.41 6.08
CA GLN A 209 -9.87 -17.92 4.80
C GLN A 209 -11.39 -18.07 4.66
N GLU A 210 -11.96 -19.16 5.21
CA GLU A 210 -13.40 -19.37 5.17
C GLU A 210 -14.15 -18.25 5.89
N ILE A 211 -13.66 -17.83 7.08
CA ILE A 211 -14.27 -16.73 7.84
C ILE A 211 -14.24 -15.45 7.01
N VAL A 212 -13.13 -15.19 6.33
CA VAL A 212 -12.97 -14.01 5.49
C VAL A 212 -13.98 -14.02 4.35
N ASP A 213 -14.11 -15.16 3.66
CA ASP A 213 -15.01 -15.30 2.52
C ASP A 213 -16.52 -15.25 2.86
N THR A 214 -16.91 -15.61 4.09
CA THR A 214 -18.32 -15.60 4.46
C THR A 214 -18.70 -14.50 5.48
N HIS A 215 -17.73 -13.74 5.99
CA HIS A 215 -18.01 -12.69 6.96
C HIS A 215 -17.34 -11.36 6.59
N GLU A 216 -17.83 -10.26 7.15
CA GLU A 216 -17.24 -8.93 6.95
C GLU A 216 -16.76 -8.39 8.29
N LEU A 217 -15.58 -7.78 8.30
CA LEU A 217 -14.99 -7.23 9.53
C LEU A 217 -15.71 -5.96 10.01
N GLN A 218 -16.31 -6.02 11.20
CA GLN A 218 -17.03 -4.90 11.77
C GLN A 218 -16.21 -4.11 12.78
N VAL A 219 -15.66 -4.76 13.82
CA VAL A 219 -14.88 -4.08 14.85
C VAL A 219 -13.45 -4.65 14.94
N ILE A 220 -12.45 -3.81 15.28
CA ILE A 220 -11.06 -4.22 15.47
C ILE A 220 -10.39 -3.33 16.50
N THR A 221 -10.06 -3.90 17.67
CA THR A 221 -9.38 -3.20 18.74
C THR A 221 -7.99 -3.79 18.85
N LEU A 222 -6.96 -2.96 18.79
CA LEU A 222 -5.58 -3.45 18.77
C LEU A 222 -4.68 -2.68 19.74
N ASP A 223 -4.15 -3.35 20.78
CA ASP A 223 -3.26 -2.78 21.78
C ASP A 223 -1.80 -2.96 21.38
N TYR A 224 -1.05 -1.87 21.33
CA TYR A 224 0.36 -1.90 20.94
C TYR A 224 1.27 -1.98 22.18
N ARG A 225 2.17 -2.98 22.21
CA ARG A 225 3.04 -3.18 23.37
C ARG A 225 4.51 -2.91 23.08
N ARG A 226 5.00 -3.31 21.91
CA ARG A 226 6.40 -3.16 21.51
C ARG A 226 6.51 -3.06 20.00
N GLU A 227 7.48 -2.31 19.49
CA GLU A 227 7.66 -2.20 18.04
C GLU A 227 8.46 -3.38 17.49
N CYS A 228 8.18 -3.80 16.26
CA CYS A 228 8.85 -4.91 15.60
C CYS A 228 9.97 -4.38 14.71
N GLN A 229 11.20 -4.86 14.90
CA GLN A 229 12.32 -4.43 14.06
C GLN A 229 12.29 -5.15 12.71
N GLN A 230 13.04 -4.65 11.71
CA GLN A 230 13.11 -5.24 10.38
C GLN A 230 13.61 -6.70 10.46
N ASP A 231 14.63 -6.94 11.29
CA ASP A 231 15.21 -8.26 11.47
C ASP A 231 14.46 -9.18 12.47
N ASP A 232 13.22 -8.82 12.81
CA ASP A 232 12.40 -9.63 13.71
C ASP A 232 11.37 -10.44 12.93
N VAL A 233 11.00 -11.62 13.45
CA VAL A 233 10.00 -12.49 12.81
C VAL A 233 8.82 -12.61 13.77
N VAL A 234 7.58 -12.40 13.28
CA VAL A 234 6.37 -12.41 14.10
C VAL A 234 5.50 -13.67 13.89
N ASP A 235 4.73 -14.06 14.93
CA ASP A 235 3.79 -15.16 14.91
C ASP A 235 2.39 -14.59 15.22
N SER A 236 1.39 -14.92 14.40
CA SER A 236 0.01 -14.43 14.57
C SER A 236 -0.87 -15.55 15.14
N LEU A 237 -1.42 -15.40 16.35
CA LEU A 237 -2.26 -16.42 16.98
C LEU A 237 -3.70 -15.96 17.12
N THR A 238 -4.67 -16.83 16.82
CA THR A 238 -6.10 -16.50 16.90
C THR A 238 -6.92 -17.63 17.55
N THR A 239 -7.96 -17.25 18.34
CA THR A 239 -8.88 -18.20 18.98
C THR A 239 -10.30 -17.63 18.92
N THR A 240 -11.28 -18.44 18.51
CA THR A 240 -12.67 -17.97 18.42
C THR A 240 -13.27 -17.89 19.82
N THR A 241 -13.55 -16.69 20.32
CA THR A 241 -14.13 -16.54 21.65
C THR A 241 -15.66 -16.54 21.68
N SER A 242 -16.32 -16.82 20.54
CA SER A 242 -17.77 -16.84 20.46
C SER A 242 -18.29 -18.27 20.28
N ASN A 259 -24.82 -15.17 13.91
CA ASN A 259 -24.27 -14.36 12.81
C ASN A 259 -23.03 -13.55 13.19
N ASP A 260 -22.73 -13.41 14.50
CA ASP A 260 -21.53 -12.68 14.92
C ASP A 260 -20.44 -13.63 15.37
N SER A 261 -19.18 -13.28 15.06
CA SER A 261 -18.04 -14.11 15.43
C SER A 261 -16.91 -13.25 16.00
N GLN A 262 -16.48 -13.55 17.21
CA GLN A 262 -15.41 -12.81 17.85
C GLN A 262 -14.15 -13.65 17.92
N PHE A 263 -13.00 -12.98 17.89
CA PHE A 263 -11.72 -13.65 17.96
C PHE A 263 -10.79 -12.92 18.91
N LEU A 264 -9.88 -13.65 19.55
CA LEU A 264 -8.83 -13.07 20.38
C LEU A 264 -7.53 -13.21 19.60
N HIS A 265 -6.72 -12.15 19.54
CA HIS A 265 -5.49 -12.16 18.74
C HIS A 265 -4.24 -11.90 19.56
N LEU A 266 -3.10 -12.42 19.10
CA LEU A 266 -1.82 -12.19 19.75
C LEU A 266 -0.68 -12.21 18.73
N LEU A 267 0.19 -11.21 18.79
CA LEU A 267 1.36 -11.13 17.91
C LEU A 267 2.57 -11.22 18.80
N ARG A 268 3.45 -12.19 18.58
CA ARG A 268 4.64 -12.34 19.40
C ARG A 268 5.87 -12.68 18.57
N LEU A 269 7.07 -12.37 19.07
CA LEU A 269 8.29 -12.68 18.34
C LEU A 269 8.48 -14.18 18.30
N SER A 270 8.67 -14.79 17.12
CA SER A 270 8.87 -16.24 17.06
C SER A 270 10.10 -16.68 17.82
N GLY A 271 11.12 -15.83 17.88
CA GLY A 271 12.38 -16.12 18.52
C GLY A 271 12.40 -16.25 20.04
N ASP A 272 11.32 -15.85 20.75
CA ASP A 272 11.31 -15.91 22.22
C ASP A 272 9.93 -15.80 22.87
N GLY A 273 8.92 -15.45 22.08
CA GLY A 273 7.55 -15.31 22.56
C GLY A 273 7.24 -13.97 23.18
N GLN A 274 8.12 -12.96 22.99
CA GLN A 274 7.95 -11.60 23.51
C GLN A 274 6.76 -10.99 22.81
N GLU A 275 5.79 -10.53 23.60
CA GLU A 275 4.56 -9.95 23.07
C GLU A 275 4.79 -8.58 22.49
N ILE A 276 4.32 -8.39 21.25
CA ILE A 276 4.42 -7.11 20.57
C ILE A 276 3.01 -6.48 20.33
N ASN A 277 1.93 -7.30 20.35
CA ASN A 277 0.55 -6.86 20.09
C ASN A 277 -0.50 -7.87 20.59
N ARG A 278 -1.70 -7.37 20.91
CA ARG A 278 -2.84 -8.18 21.31
C ARG A 278 -4.12 -7.45 20.85
N GLY A 279 -5.16 -8.22 20.50
CA GLY A 279 -6.40 -7.61 20.01
C GLY A 279 -7.64 -8.47 19.93
N THR A 280 -8.70 -7.91 19.36
CA THR A 280 -9.99 -8.57 19.14
C THR A 280 -10.59 -8.08 17.83
N THR A 281 -11.29 -8.98 17.13
CA THR A 281 -11.99 -8.61 15.90
C THR A 281 -13.42 -9.16 15.98
N LEU A 282 -14.40 -8.41 15.48
CA LEU A 282 -15.79 -8.85 15.47
C LEU A 282 -16.23 -8.93 14.01
N TRP A 283 -16.83 -10.05 13.60
CA TRP A 283 -17.23 -10.25 12.21
C TRP A 283 -18.72 -10.57 12.09
N ARG A 284 -19.40 -10.09 11.02
CA ARG A 284 -20.81 -10.42 10.82
C ARG A 284 -21.07 -11.08 9.46
N LYS A 285 -22.10 -11.93 9.39
CA LYS A 285 -22.45 -12.67 8.17
C LYS A 285 -22.85 -11.74 7.02
N LYS A 286 -22.63 -12.20 5.76
CA LYS A 286 -22.95 -11.40 4.58
C LYS A 286 -24.41 -11.54 4.14
N GLY B 2 -9.36 12.57 -13.14
CA GLY B 2 -8.76 12.10 -14.38
C GLY B 2 -9.68 12.25 -15.58
N SER B 3 -9.11 12.32 -16.79
CA SER B 3 -9.92 12.44 -18.00
C SER B 3 -9.20 12.04 -19.29
N LEU B 4 -9.99 11.64 -20.31
CA LEU B 4 -9.46 11.31 -21.63
C LEU B 4 -9.02 12.60 -22.33
N THR B 5 -7.95 12.55 -23.11
CA THR B 5 -7.50 13.74 -23.86
C THR B 5 -8.53 14.10 -24.95
N GLU B 6 -8.37 15.25 -25.62
CA GLU B 6 -9.33 15.69 -26.64
C GLU B 6 -9.59 14.64 -27.73
N ASP B 7 -8.53 13.97 -28.19
CA ASP B 7 -8.67 12.94 -29.22
C ASP B 7 -9.29 11.63 -28.73
N GLY B 8 -9.34 11.42 -27.41
CA GLY B 8 -9.85 10.20 -26.80
C GLY B 8 -8.91 9.02 -27.02
N LEU B 9 -7.61 9.29 -27.28
CA LEU B 9 -6.61 8.28 -27.56
C LEU B 9 -5.54 8.09 -26.47
N SER B 10 -5.70 8.77 -25.32
CA SER B 10 -4.85 8.69 -24.14
C SER B 10 -5.57 9.26 -22.91
N TYR B 11 -5.16 8.88 -21.69
CA TYR B 11 -5.85 9.32 -20.47
C TYR B 11 -4.90 10.03 -19.51
N LYS B 12 -5.33 11.13 -18.89
CA LYS B 12 -4.50 11.87 -17.92
C LYS B 12 -5.10 11.86 -16.52
N GLU B 13 -4.25 11.79 -15.47
CA GLU B 13 -4.73 11.81 -14.09
C GLU B 13 -3.70 12.45 -13.16
N LYS B 14 -4.19 13.19 -12.14
CA LYS B 14 -3.31 13.82 -11.17
C LYS B 14 -3.47 13.15 -9.82
N PHE B 15 -2.34 12.79 -9.20
CA PHE B 15 -2.29 12.12 -7.90
C PHE B 15 -1.49 12.93 -6.91
N VAL B 16 -1.94 12.99 -5.64
CA VAL B 16 -1.20 13.70 -4.60
C VAL B 16 -0.48 12.64 -3.79
N VAL B 17 0.84 12.77 -3.62
CA VAL B 17 1.61 11.75 -2.90
C VAL B 17 1.29 11.76 -1.39
N ARG B 18 0.83 10.60 -0.88
CA ARG B 18 0.42 10.42 0.51
C ARG B 18 1.57 10.04 1.43
N SER B 19 1.41 10.31 2.73
CA SER B 19 2.38 10.03 3.77
C SER B 19 2.83 8.57 3.79
N TYR B 20 1.88 7.63 3.66
CA TYR B 20 2.24 6.21 3.66
C TYR B 20 2.88 5.73 2.34
N GLU B 21 2.93 6.60 1.32
CA GLU B 21 3.48 6.27 0.03
C GLU B 21 4.96 6.62 -0.15
N VAL B 22 5.59 7.25 0.87
CA VAL B 22 6.99 7.69 0.78
C VAL B 22 7.96 6.84 1.61
N GLY B 23 9.24 6.85 1.22
CA GLY B 23 10.32 6.12 1.87
C GLY B 23 11.14 6.96 2.83
N SER B 24 12.37 6.54 3.15
CA SER B 24 13.22 7.28 4.11
C SER B 24 13.67 8.67 3.64
N ASN B 25 13.77 8.88 2.32
CA ASN B 25 14.15 10.15 1.72
C ASN B 25 12.94 11.08 1.39
N LYS B 26 11.80 10.86 2.09
CA LYS B 26 10.54 11.63 2.00
C LYS B 26 9.93 11.71 0.60
N THR B 27 10.33 10.83 -0.34
CA THR B 27 9.75 10.80 -1.68
C THR B 27 9.06 9.46 -1.96
N ALA B 28 8.15 9.43 -2.94
CA ALA B 28 7.39 8.25 -3.35
C ALA B 28 8.29 7.06 -3.68
N THR B 29 7.88 5.85 -3.24
CA THR B 29 8.66 4.65 -3.51
C THR B 29 8.36 4.13 -4.92
N VAL B 30 9.22 3.25 -5.47
CA VAL B 30 8.99 2.69 -6.81
C VAL B 30 7.72 1.84 -6.87
N GLU B 31 7.32 1.25 -5.73
CA GLU B 31 6.08 0.48 -5.65
C GLU B 31 4.87 1.42 -5.63
N THR B 32 5.01 2.62 -5.01
CA THR B 32 3.93 3.60 -5.04
C THR B 32 3.74 4.09 -6.48
N ILE B 33 4.85 4.37 -7.18
CA ILE B 33 4.81 4.74 -8.59
C ILE B 33 4.15 3.63 -9.43
N ALA B 34 4.57 2.36 -9.23
CA ALA B 34 4.01 1.20 -9.92
C ALA B 34 2.49 1.06 -9.71
N ASN B 35 2.01 1.43 -8.52
CA ASN B 35 0.61 1.42 -8.13
C ASN B 35 -0.17 2.53 -8.87
N LEU B 36 0.41 3.73 -8.95
CA LEU B 36 -0.19 4.88 -9.65
C LEU B 36 -0.32 4.57 -11.14
N LEU B 37 0.65 3.84 -11.72
CA LEU B 37 0.60 3.44 -13.13
C LEU B 37 -0.55 2.49 -13.39
N GLN B 38 -0.79 1.59 -12.45
CA GLN B 38 -1.83 0.58 -12.51
C GLN B 38 -3.19 1.24 -12.35
N GLU B 39 -3.31 2.20 -11.42
CA GLU B 39 -4.55 2.93 -11.14
C GLU B 39 -4.97 3.77 -12.33
N VAL B 40 -4.03 4.45 -13.01
CA VAL B 40 -4.38 5.26 -14.17
C VAL B 40 -4.78 4.37 -15.38
N GLY B 41 -4.23 3.17 -15.47
CA GLY B 41 -4.60 2.21 -16.50
C GLY B 41 -6.02 1.70 -16.31
N CYS B 42 -6.44 1.53 -15.04
CA CYS B 42 -7.79 1.09 -14.72
C CYS B 42 -8.79 2.14 -15.15
N ASN B 43 -8.52 3.40 -14.83
CA ASN B 43 -9.43 4.49 -15.15
C ASN B 43 -9.49 4.76 -16.64
N HIS B 44 -8.38 4.51 -17.37
CA HIS B 44 -8.37 4.66 -18.84
C HIS B 44 -9.32 3.61 -19.43
N ALA B 45 -9.27 2.36 -18.93
CA ALA B 45 -10.15 1.30 -19.41
C ALA B 45 -11.63 1.60 -19.11
N GLN B 46 -11.95 2.07 -17.90
CA GLN B 46 -13.32 2.43 -17.51
C GLN B 46 -13.88 3.57 -18.37
N SER B 47 -13.04 4.59 -18.66
CA SER B 47 -13.46 5.75 -19.45
C SER B 47 -13.78 5.41 -20.89
N VAL B 48 -13.12 4.39 -21.46
CA VAL B 48 -13.38 4.01 -22.85
C VAL B 48 -14.41 2.86 -22.99
N GLY B 49 -15.09 2.51 -21.90
CA GLY B 49 -16.13 1.50 -21.94
C GLY B 49 -15.73 0.11 -21.49
N PHE B 50 -15.15 -0.02 -20.29
CA PHE B 50 -14.78 -1.34 -19.77
C PHE B 50 -15.23 -1.51 -18.33
N SER B 51 -15.98 -2.57 -18.05
CA SER B 51 -16.47 -2.84 -16.70
C SER B 51 -15.50 -3.71 -15.90
N THR B 57 -9.86 -3.33 -20.26
CA THR B 57 -10.14 -4.49 -19.42
C THR B 57 -10.28 -5.76 -20.27
N THR B 58 -11.43 -5.97 -20.98
CA THR B 58 -11.78 -7.17 -21.77
C THR B 58 -12.98 -6.92 -22.71
N THR B 59 -12.86 -7.18 -24.03
CA THR B 59 -13.98 -7.02 -24.99
C THR B 59 -14.72 -8.40 -25.10
N THR B 60 -14.95 -9.00 -26.32
CA THR B 60 -15.57 -10.32 -26.48
C THR B 60 -14.71 -11.46 -25.89
N MET B 61 -13.51 -11.14 -25.37
CA MET B 61 -12.66 -12.09 -24.70
C MET B 61 -13.38 -12.70 -23.47
N ARG B 62 -14.47 -12.05 -22.97
CA ARG B 62 -15.26 -12.55 -21.84
C ARG B 62 -15.95 -13.87 -22.22
N LYS B 63 -16.45 -13.95 -23.45
CA LYS B 63 -17.13 -15.13 -23.97
C LYS B 63 -16.15 -16.28 -24.22
N LEU B 64 -14.92 -15.94 -24.62
CA LEU B 64 -13.85 -16.89 -24.94
C LEU B 64 -12.96 -17.25 -23.74
N HIS B 65 -13.18 -16.63 -22.55
CA HIS B 65 -12.39 -16.81 -21.33
C HIS B 65 -10.93 -16.38 -21.51
N LEU B 66 -10.71 -15.22 -22.13
CA LEU B 66 -9.38 -14.67 -22.40
C LEU B 66 -9.13 -13.43 -21.54
N ILE B 67 -7.91 -13.28 -21.02
CA ILE B 67 -7.51 -12.14 -20.20
C ILE B 67 -6.16 -11.57 -20.70
N TRP B 68 -5.84 -10.33 -20.31
CA TRP B 68 -4.58 -9.69 -20.66
C TRP B 68 -3.63 -9.87 -19.49
N VAL B 69 -2.42 -10.37 -19.73
CA VAL B 69 -1.45 -10.53 -18.66
C VAL B 69 -0.16 -9.73 -18.98
N THR B 70 0.58 -9.25 -17.96
CA THR B 70 1.82 -8.53 -18.19
C THR B 70 2.96 -9.52 -18.42
N ALA B 71 3.74 -9.31 -19.47
CA ALA B 71 4.90 -10.13 -19.82
C ALA B 71 6.23 -9.39 -19.52
N ARG B 72 6.21 -8.06 -19.50
CA ARG B 72 7.40 -7.25 -19.27
C ARG B 72 6.98 -5.88 -18.73
N MET B 73 7.65 -5.39 -17.67
CA MET B 73 7.37 -4.06 -17.12
C MET B 73 8.67 -3.30 -17.00
N HIS B 74 8.80 -2.19 -17.73
CA HIS B 74 10.00 -1.39 -17.72
C HIS B 74 9.69 0.00 -17.17
N ILE B 75 10.39 0.44 -16.10
CA ILE B 75 10.13 1.74 -15.46
C ILE B 75 11.41 2.55 -15.29
N GLU B 76 11.44 3.80 -15.79
N GLU B 76 11.43 3.80 -15.79
N GLU B 76 11.44 3.80 -15.79
CA GLU B 76 12.59 4.67 -15.63
CA GLU B 76 12.57 4.69 -15.64
CA GLU B 76 12.59 4.67 -15.63
C GLU B 76 12.15 5.94 -14.91
C GLU B 76 12.13 5.94 -14.88
C GLU B 76 12.15 5.94 -14.90
N ILE B 77 12.82 6.28 -13.79
CA ILE B 77 12.48 7.46 -12.99
C ILE B 77 13.65 8.43 -12.93
N TYR B 78 13.41 9.72 -13.12
CA TYR B 78 14.47 10.73 -13.01
C TYR B 78 14.35 11.45 -11.67
N LYS B 79 13.12 11.76 -11.25
CA LYS B 79 12.84 12.39 -9.97
C LYS B 79 11.60 11.79 -9.37
N TYR B 80 11.68 11.34 -8.13
CA TYR B 80 10.53 10.76 -7.43
C TYR B 80 9.73 11.90 -6.81
N PRO B 81 8.39 11.93 -6.97
CA PRO B 81 7.60 13.02 -6.38
C PRO B 81 7.67 13.01 -4.85
N ALA B 82 7.70 14.18 -4.23
CA ALA B 82 7.76 14.29 -2.77
C ALA B 82 6.35 14.20 -2.14
N TRP B 83 6.29 13.86 -0.86
CA TRP B 83 5.07 13.75 -0.07
C TRP B 83 4.37 15.11 -0.05
N GLY B 84 3.21 15.16 -0.68
CA GLY B 84 2.44 16.38 -0.79
C GLY B 84 2.39 16.92 -2.22
N ASP B 85 3.40 16.55 -3.04
CA ASP B 85 3.48 17.00 -4.42
C ASP B 85 2.45 16.29 -5.29
N VAL B 86 2.01 16.97 -6.35
CA VAL B 86 1.04 16.43 -7.31
C VAL B 86 1.83 15.92 -8.52
N VAL B 87 1.46 14.75 -9.06
CA VAL B 87 2.13 14.19 -10.22
C VAL B 87 1.09 13.83 -11.29
N GLU B 88 1.29 14.30 -12.53
CA GLU B 88 0.34 14.02 -13.61
C GLU B 88 0.85 12.88 -14.48
N ILE B 89 0.04 11.82 -14.66
CA ILE B 89 0.40 10.65 -15.46
C ILE B 89 -0.49 10.49 -16.70
N GLU B 90 0.14 10.42 -17.89
CA GLU B 90 -0.58 10.20 -19.13
C GLU B 90 -0.30 8.79 -19.66
N THR B 91 -1.36 8.02 -19.91
CA THR B 91 -1.23 6.65 -20.39
C THR B 91 -1.93 6.41 -21.72
N TRP B 92 -1.47 5.42 -22.47
CA TRP B 92 -2.07 5.02 -23.75
C TRP B 92 -1.61 3.64 -24.16
N CYS B 93 -2.43 2.92 -24.92
CA CYS B 93 -2.12 1.60 -25.42
C CYS B 93 -1.83 1.62 -26.90
N GLN B 94 -1.09 0.63 -27.39
CA GLN B 94 -0.84 0.49 -28.82
C GLN B 94 -0.75 -0.95 -29.29
N SER B 95 -1.08 -1.18 -30.56
CA SER B 95 -1.04 -2.48 -31.21
C SER B 95 0.40 -2.86 -31.57
N GLU B 96 0.80 -4.07 -31.20
CA GLU B 96 2.12 -4.58 -31.54
C GLU B 96 1.92 -5.83 -32.37
N GLY B 97 1.15 -5.68 -33.46
CA GLY B 97 0.77 -6.76 -34.35
C GLY B 97 -0.03 -7.82 -33.63
N ARG B 98 0.00 -9.06 -34.13
CA ARG B 98 -0.70 -10.15 -33.43
C ARG B 98 0.12 -10.70 -32.22
N ILE B 99 1.27 -10.09 -31.91
CA ILE B 99 2.07 -10.48 -30.75
C ILE B 99 1.30 -10.04 -29.49
N GLY B 100 0.82 -8.80 -29.48
CA GLY B 100 0.06 -8.30 -28.33
C GLY B 100 -0.17 -6.80 -28.33
N THR B 101 -0.21 -6.24 -27.13
CA THR B 101 -0.45 -4.82 -26.89
C THR B 101 0.68 -4.26 -26.01
N ARG B 102 0.93 -2.95 -26.12
CA ARG B 102 1.96 -2.30 -25.33
C ARG B 102 1.36 -1.06 -24.64
N ARG B 103 1.48 -0.94 -23.30
CA ARG B 103 0.94 0.25 -22.62
C ARG B 103 2.07 1.15 -22.14
N ASP B 104 2.02 2.44 -22.49
CA ASP B 104 3.05 3.40 -22.09
C ASP B 104 2.55 4.45 -21.07
N TRP B 105 3.48 5.08 -20.35
CA TRP B 105 3.17 6.13 -19.37
C TRP B 105 4.19 7.26 -19.42
N ILE B 106 3.79 8.46 -18.99
CA ILE B 106 4.66 9.62 -18.88
C ILE B 106 4.30 10.30 -17.57
N LEU B 107 5.25 10.35 -16.63
N LEU B 107 5.25 10.35 -16.63
N LEU B 107 5.25 10.35 -16.63
CA LEU B 107 5.04 10.98 -15.34
CA LEU B 107 5.04 10.98 -15.34
CA LEU B 107 5.04 10.98 -15.34
C LEU B 107 5.59 12.40 -15.42
C LEU B 107 5.59 12.40 -15.42
C LEU B 107 5.59 12.40 -15.42
N LYS B 108 4.81 13.40 -14.99
CA LYS B 108 5.24 14.80 -15.05
C LYS B 108 4.96 15.53 -13.74
N ASP B 109 5.76 16.57 -13.47
CA ASP B 109 5.56 17.43 -12.31
C ASP B 109 4.35 18.31 -12.64
N SER B 110 3.35 18.37 -11.75
CA SER B 110 2.16 19.19 -12.01
C SER B 110 2.43 20.70 -11.97
N VAL B 111 3.54 21.13 -11.36
CA VAL B 111 3.87 22.54 -11.25
C VAL B 111 4.70 23.03 -12.46
N THR B 112 5.79 22.34 -12.76
CA THR B 112 6.71 22.73 -13.82
C THR B 112 6.38 22.15 -15.19
N GLY B 113 5.67 21.04 -15.23
CA GLY B 113 5.35 20.34 -16.48
C GLY B 113 6.49 19.48 -17.01
N GLU B 114 7.57 19.30 -16.23
CA GLU B 114 8.76 18.57 -16.59
C GLU B 114 8.56 17.06 -16.43
N VAL B 115 9.02 16.25 -17.40
CA VAL B 115 8.89 14.78 -17.38
C VAL B 115 9.81 14.18 -16.32
N THR B 116 9.26 13.76 -15.17
CA THR B 116 10.09 13.19 -14.10
C THR B 116 10.22 11.66 -14.13
N GLY B 117 9.60 11.01 -15.10
CA GLY B 117 9.65 9.56 -15.24
C GLY B 117 8.83 9.05 -16.42
N ARG B 118 9.04 7.79 -16.81
N ARG B 118 9.04 7.79 -16.81
N ARG B 118 9.05 7.79 -16.82
CA ARG B 118 8.32 7.16 -17.92
CA ARG B 118 8.31 7.16 -17.92
CA ARG B 118 8.35 7.17 -17.94
C ARG B 118 8.36 5.63 -17.80
C ARG B 118 8.36 5.63 -17.81
C ARG B 118 8.37 5.63 -17.82
N ALA B 119 7.32 4.96 -18.29
CA ALA B 119 7.24 3.50 -18.21
C ALA B 119 6.61 2.89 -19.47
N THR B 120 6.86 1.60 -19.71
CA THR B 120 6.30 0.85 -20.82
C THR B 120 6.04 -0.59 -20.35
N SER B 121 5.11 -1.29 -21.00
CA SER B 121 4.80 -2.66 -20.62
C SER B 121 4.33 -3.48 -21.81
N LYS B 122 4.68 -4.77 -21.87
CA LYS B 122 4.21 -5.65 -22.95
C LYS B 122 3.13 -6.56 -22.40
N TRP B 123 1.91 -6.46 -22.96
CA TRP B 123 0.80 -7.30 -22.51
C TRP B 123 0.50 -8.37 -23.52
N VAL B 124 0.20 -9.57 -23.05
CA VAL B 124 -0.11 -10.72 -23.89
C VAL B 124 -1.52 -11.25 -23.60
N MET B 125 -2.07 -12.07 -24.50
CA MET B 125 -3.40 -12.65 -24.30
C MET B 125 -3.29 -14.09 -23.80
N MET B 126 -3.98 -14.40 -22.71
CA MET B 126 -3.90 -15.73 -22.10
C MET B 126 -5.28 -16.26 -21.74
N ASN B 127 -5.49 -17.58 -21.84
CA ASN B 127 -6.76 -18.18 -21.44
C ASN B 127 -6.73 -18.22 -19.91
N GLN B 128 -7.71 -17.60 -19.24
CA GLN B 128 -7.72 -17.56 -17.77
C GLN B 128 -7.82 -18.93 -17.12
N ASP B 129 -8.38 -19.93 -17.82
CA ASP B 129 -8.54 -21.28 -17.28
C ASP B 129 -7.37 -22.22 -17.54
N THR B 130 -6.89 -22.31 -18.79
CA THR B 130 -5.81 -23.22 -19.13
C THR B 130 -4.42 -22.59 -19.09
N ARG B 131 -4.33 -21.24 -19.06
CA ARG B 131 -3.08 -20.49 -19.06
C ARG B 131 -2.27 -20.64 -20.36
N ARG B 132 -2.85 -21.33 -21.38
CA ARG B 132 -2.25 -21.64 -22.69
C ARG B 132 -1.55 -20.47 -23.35
N LEU B 133 -2.15 -19.28 -23.29
CA LEU B 133 -1.57 -18.08 -23.86
C LEU B 133 -1.61 -18.10 -25.37
N GLN B 134 -2.58 -17.39 -25.95
CA GLN B 134 -2.67 -17.31 -27.40
C GLN B 134 -1.88 -16.09 -27.81
N LYS B 135 -0.57 -16.28 -28.05
CA LYS B 135 0.34 -15.19 -28.46
C LYS B 135 -0.19 -14.48 -29.70
N VAL B 136 -0.81 -15.22 -30.63
CA VAL B 136 -1.44 -14.63 -31.79
C VAL B 136 -2.87 -14.16 -31.45
N SER B 137 -3.41 -13.21 -32.22
CA SER B 137 -4.75 -12.69 -31.98
C SER B 137 -5.40 -12.21 -33.28
N ASP B 138 -6.69 -12.51 -33.45
CA ASP B 138 -7.44 -12.11 -34.66
C ASP B 138 -8.91 -11.89 -34.34
N ASP B 139 -9.55 -10.93 -35.04
CA ASP B 139 -10.95 -10.50 -34.86
C ASP B 139 -11.16 -9.62 -33.63
N VAL B 140 -10.24 -9.69 -32.66
CA VAL B 140 -10.31 -8.91 -31.44
C VAL B 140 -9.46 -7.60 -31.53
N ARG B 141 -8.54 -7.50 -32.51
CA ARG B 141 -7.73 -6.31 -32.69
C ARG B 141 -8.61 -5.11 -33.04
N ASP B 142 -9.63 -5.33 -33.89
CA ASP B 142 -10.56 -4.30 -34.32
C ASP B 142 -11.31 -3.68 -33.17
N GLU B 143 -11.65 -4.48 -32.16
CA GLU B 143 -12.39 -4.01 -31.00
C GLU B 143 -11.59 -3.06 -30.10
N TYR B 144 -10.26 -3.04 -30.23
CA TYR B 144 -9.40 -2.19 -29.42
C TYR B 144 -8.79 -1.07 -30.22
N LEU B 145 -8.47 -1.30 -31.49
CA LEU B 145 -7.82 -0.33 -32.38
C LEU B 145 -8.45 1.05 -32.35
N VAL B 146 -9.75 1.12 -32.09
CA VAL B 146 -10.49 2.39 -32.02
C VAL B 146 -10.15 3.23 -30.76
N PHE B 147 -9.37 2.68 -29.83
CA PHE B 147 -8.95 3.34 -28.60
C PHE B 147 -7.42 3.61 -28.56
N CYS B 148 -6.68 3.21 -29.61
CA CYS B 148 -5.25 3.35 -29.70
C CYS B 148 -4.89 4.37 -30.77
N PRO B 149 -3.81 5.16 -30.57
CA PRO B 149 -3.34 6.02 -31.66
C PRO B 149 -2.87 5.16 -32.83
N GLN B 150 -3.14 5.56 -34.07
CA GLN B 150 -2.77 4.75 -35.23
C GLN B 150 -1.29 4.90 -35.59
N GLU B 151 -0.74 6.10 -35.44
CA GLU B 151 0.67 6.32 -35.69
C GLU B 151 1.47 5.97 -34.44
N PRO B 152 2.70 5.44 -34.58
CA PRO B 152 3.46 5.04 -33.38
C PRO B 152 3.74 6.17 -32.40
N ARG B 153 3.36 5.97 -31.13
CA ARG B 153 3.59 6.93 -30.07
C ARG B 153 4.30 6.20 -28.94
N LEU B 154 5.64 6.22 -28.95
CA LEU B 154 6.44 5.50 -27.97
C LEU B 154 6.97 6.37 -26.85
N ALA B 155 6.85 5.91 -25.61
CA ALA B 155 7.46 6.60 -24.46
C ALA B 155 8.99 6.41 -24.52
N PHE B 156 9.45 5.26 -25.02
CA PHE B 156 10.86 4.90 -25.20
C PHE B 156 11.15 4.72 -26.70
N PRO B 157 11.21 5.83 -27.48
CA PRO B 157 11.43 5.67 -28.93
C PRO B 157 12.82 5.23 -29.35
N GLU B 158 13.89 5.76 -28.72
CA GLU B 158 15.32 5.45 -29.01
C GLU B 158 15.59 4.02 -29.54
N GLU B 159 16.35 3.87 -30.65
CA GLU B 159 16.64 2.53 -31.19
C GLU B 159 17.74 1.88 -30.35
N ASN B 160 17.55 0.59 -30.00
CA ASN B 160 18.43 -0.18 -29.11
C ASN B 160 18.39 0.46 -27.72
N ASN B 161 17.19 0.47 -27.12
CA ASN B 161 16.95 1.05 -25.79
C ASN B 161 16.87 -0.02 -24.69
N ARG B 162 16.86 0.42 -23.42
CA ARG B 162 16.86 -0.45 -22.24
C ARG B 162 15.57 -1.26 -22.07
N SER B 163 14.47 -0.81 -22.69
CA SER B 163 13.18 -1.49 -22.54
C SER B 163 13.07 -2.78 -23.34
N LEU B 164 13.81 -2.90 -24.45
CA LEU B 164 13.77 -4.08 -25.31
C LEU B 164 15.06 -4.89 -25.22
N LYS B 165 15.68 -4.94 -24.03
CA LYS B 165 16.93 -5.66 -23.82
C LYS B 165 16.65 -7.07 -23.29
N LYS B 166 17.41 -8.06 -23.76
CA LYS B 166 17.23 -9.45 -23.31
C LYS B 166 17.75 -9.66 -21.87
N ILE B 167 16.92 -10.24 -20.98
CA ILE B 167 17.34 -10.48 -19.59
C ILE B 167 17.84 -11.91 -19.36
N PRO B 168 19.11 -12.09 -18.96
CA PRO B 168 19.62 -13.45 -18.73
C PRO B 168 19.22 -14.06 -17.38
N LYS B 169 19.43 -15.37 -17.21
CA LYS B 169 19.12 -16.05 -15.96
C LYS B 169 20.31 -16.00 -15.02
N LEU B 170 20.06 -15.60 -13.77
CA LEU B 170 21.07 -15.50 -12.73
C LEU B 170 21.65 -16.88 -12.44
N GLU B 171 22.97 -17.01 -12.58
CA GLU B 171 23.63 -18.28 -12.29
C GLU B 171 23.96 -18.36 -10.81
N ASP B 172 23.95 -19.57 -10.25
CA ASP B 172 24.27 -19.77 -8.84
C ASP B 172 25.78 -19.95 -8.63
N PRO B 173 26.34 -19.47 -7.49
CA PRO B 173 25.65 -18.82 -6.36
C PRO B 173 25.35 -17.33 -6.57
N ALA B 174 24.26 -16.86 -5.97
CA ALA B 174 23.89 -15.45 -6.05
C ALA B 174 24.72 -14.68 -5.02
N GLN B 175 25.00 -13.40 -5.32
CA GLN B 175 25.80 -12.58 -4.43
C GLN B 175 25.02 -12.22 -3.17
N TYR B 176 23.77 -11.82 -3.35
CA TYR B 176 22.85 -11.47 -2.26
C TYR B 176 21.57 -12.31 -2.39
N SER B 177 20.80 -12.43 -1.30
CA SER B 177 19.56 -13.19 -1.34
C SER B 177 18.61 -12.91 -0.20
N MET B 178 17.32 -12.94 -0.48
CA MET B 178 16.30 -12.79 0.55
C MET B 178 15.40 -14.02 0.41
N ILE B 179 15.42 -14.93 1.40
CA ILE B 179 14.65 -16.17 1.31
C ILE B 179 13.43 -16.21 2.25
N GLY B 180 12.47 -17.07 1.92
CA GLY B 180 11.28 -17.29 2.73
C GLY B 180 10.25 -16.18 2.63
N LEU B 181 10.11 -15.58 1.45
CA LEU B 181 9.16 -14.50 1.23
C LEU B 181 7.76 -15.07 0.94
N LYS B 182 6.76 -14.68 1.73
CA LYS B 182 5.39 -15.17 1.59
C LYS B 182 4.44 -14.00 1.39
N PRO B 183 3.54 -14.06 0.41
CA PRO B 183 2.58 -12.95 0.23
C PRO B 183 1.43 -13.01 1.25
N ARG B 184 0.96 -11.85 1.71
CA ARG B 184 -0.18 -11.79 2.63
C ARG B 184 -1.46 -11.36 1.88
N ARG B 185 -2.61 -11.14 2.58
CA ARG B 185 -3.84 -10.77 1.90
C ARG B 185 -3.77 -9.39 1.27
N ALA B 186 -2.95 -8.48 1.85
CA ALA B 186 -2.73 -7.15 1.28
C ALA B 186 -1.98 -7.24 -0.06
N ASP B 187 -1.22 -8.33 -0.30
CA ASP B 187 -0.50 -8.55 -1.56
C ASP B 187 -1.40 -9.16 -2.66
N LEU B 188 -2.68 -9.40 -2.38
CA LEU B 188 -3.62 -9.92 -3.37
C LEU B 188 -4.43 -8.77 -3.96
N ASP B 189 -4.89 -8.92 -5.19
CA ASP B 189 -5.71 -7.90 -5.84
C ASP B 189 -7.22 -8.18 -5.60
N MET B 190 -8.14 -7.56 -6.35
CA MET B 190 -9.58 -7.80 -6.18
C MET B 190 -10.04 -9.19 -6.66
N ASN B 191 -9.13 -9.96 -7.32
CA ASN B 191 -9.41 -11.31 -7.82
C ASN B 191 -8.64 -12.42 -7.07
N GLN B 192 -8.02 -12.08 -5.92
CA GLN B 192 -7.24 -12.94 -5.03
C GLN B 192 -5.93 -13.45 -5.66
N HIS B 193 -5.38 -12.69 -6.61
CA HIS B 193 -4.10 -13.03 -7.25
C HIS B 193 -3.00 -12.12 -6.73
N VAL B 194 -1.75 -12.63 -6.60
CA VAL B 194 -0.62 -11.81 -6.15
C VAL B 194 -0.24 -10.85 -7.27
N ASN B 195 -0.52 -9.56 -7.04
CA ASN B 195 -0.33 -8.48 -8.01
C ASN B 195 1.12 -8.26 -8.47
N ASN B 196 1.30 -7.69 -9.67
CA ASN B 196 2.61 -7.50 -10.27
C ASN B 196 3.51 -6.49 -9.54
N VAL B 197 2.98 -5.77 -8.55
CA VAL B 197 3.71 -4.76 -7.77
C VAL B 197 4.50 -5.39 -6.63
N THR B 198 3.97 -6.49 -6.05
CA THR B 198 4.59 -7.25 -4.96
C THR B 198 5.92 -7.85 -5.41
N TYR B 199 5.98 -8.32 -6.68
CA TYR B 199 7.20 -8.87 -7.29
C TYR B 199 8.31 -7.82 -7.37
N ILE B 200 7.94 -6.54 -7.58
CA ILE B 200 8.88 -5.43 -7.60
C ILE B 200 9.52 -5.30 -6.21
N GLY B 201 8.70 -5.37 -5.17
CA GLY B 201 9.14 -5.29 -3.79
C GLY B 201 10.05 -6.44 -3.40
N TRP B 202 9.67 -7.65 -3.83
CA TRP B 202 10.45 -8.87 -3.59
C TRP B 202 11.79 -8.86 -4.33
N VAL B 203 11.87 -8.23 -5.50
CA VAL B 203 13.11 -8.12 -6.25
C VAL B 203 14.09 -7.20 -5.50
N LEU B 204 13.58 -6.05 -5.00
CA LEU B 204 14.41 -5.11 -4.27
C LEU B 204 14.76 -5.56 -2.84
N GLU B 205 14.15 -6.64 -2.34
CA GLU B 205 14.44 -7.17 -1.01
C GLU B 205 15.87 -7.72 -0.90
N SER B 206 16.37 -8.29 -2.01
CA SER B 206 17.73 -8.84 -2.03
C SER B 206 18.81 -7.78 -2.27
N ILE B 207 18.45 -6.53 -2.59
CA ILE B 207 19.42 -5.45 -2.77
C ILE B 207 19.91 -5.06 -1.36
N PRO B 208 21.23 -5.01 -1.13
CA PRO B 208 21.73 -4.67 0.21
C PRO B 208 21.26 -3.29 0.67
N GLN B 209 20.98 -3.17 1.98
CA GLN B 209 20.52 -1.93 2.60
C GLN B 209 21.47 -0.77 2.36
N GLU B 210 22.78 -1.05 2.30
CA GLU B 210 23.81 -0.05 2.04
C GLU B 210 23.65 0.58 0.65
N ILE B 211 23.30 -0.23 -0.36
CA ILE B 211 23.06 0.25 -1.72
C ILE B 211 21.81 1.15 -1.72
N VAL B 212 20.78 0.78 -0.99
CA VAL B 212 19.54 1.54 -0.90
C VAL B 212 19.82 2.91 -0.26
N ASP B 213 20.55 2.94 0.84
CA ASP B 213 20.85 4.17 1.56
C ASP B 213 21.78 5.17 0.83
N THR B 214 22.64 4.68 -0.08
CA THR B 214 23.57 5.54 -0.81
C THR B 214 23.24 5.72 -2.29
N HIS B 215 22.24 5.00 -2.82
CA HIS B 215 21.88 5.10 -4.23
C HIS B 215 20.37 5.29 -4.43
N GLU B 216 19.98 5.81 -5.60
CA GLU B 216 18.58 5.96 -5.96
C GLU B 216 18.26 5.11 -7.18
N LEU B 217 17.11 4.42 -7.16
CA LEU B 217 16.70 3.55 -8.25
C LEU B 217 16.29 4.32 -9.49
N GLN B 218 17.03 4.13 -10.57
CA GLN B 218 16.71 4.81 -11.82
C GLN B 218 15.93 3.92 -12.78
N VAL B 219 16.45 2.76 -13.17
CA VAL B 219 15.76 1.88 -14.13
C VAL B 219 15.41 0.52 -13.49
N ILE B 220 14.28 -0.09 -13.90
CA ILE B 220 13.85 -1.41 -13.45
C ILE B 220 13.08 -2.13 -14.56
N THR B 221 13.65 -3.20 -15.09
CA THR B 221 13.03 -4.01 -16.14
C THR B 221 12.72 -5.36 -15.50
N LEU B 222 11.47 -5.80 -15.59
CA LEU B 222 11.04 -7.03 -14.93
C LEU B 222 10.21 -7.92 -15.85
N ASP B 223 10.72 -9.12 -16.18
CA ASP B 223 10.06 -10.11 -17.02
C ASP B 223 9.24 -11.09 -16.20
N TYR B 224 7.96 -11.21 -16.51
CA TYR B 224 7.05 -12.09 -15.78
C TYR B 224 6.94 -13.46 -16.47
N ARG B 225 7.19 -14.55 -15.72
CA ARG B 225 7.18 -15.90 -16.30
C ARG B 225 6.05 -16.78 -15.78
N ARG B 226 5.74 -16.66 -14.48
CA ARG B 226 4.75 -17.50 -13.84
C ARG B 226 4.17 -16.80 -12.62
N GLU B 227 2.87 -16.97 -12.35
N GLU B 227 2.87 -16.97 -12.35
N GLU B 227 2.87 -16.97 -12.35
CA GLU B 227 2.23 -16.33 -11.20
CA GLU B 227 2.24 -16.34 -11.19
CA GLU B 227 2.23 -16.33 -11.20
C GLU B 227 2.55 -17.07 -9.90
C GLU B 227 2.56 -17.07 -9.90
C GLU B 227 2.54 -17.07 -9.91
N CYS B 228 2.62 -16.33 -8.79
CA CYS B 228 2.90 -16.92 -7.49
C CYS B 228 1.58 -17.12 -6.73
N GLN B 229 1.34 -18.32 -6.24
CA GLN B 229 0.12 -18.61 -5.50
C GLN B 229 0.24 -18.07 -4.06
N GLN B 230 -0.87 -18.02 -3.32
CA GLN B 230 -0.85 -17.58 -1.91
C GLN B 230 -0.01 -18.58 -1.08
N ASP B 231 -0.18 -19.89 -1.34
CA ASP B 231 0.55 -20.94 -0.63
C ASP B 231 1.97 -21.23 -1.17
N ASP B 232 2.52 -20.31 -1.99
CA ASP B 232 3.87 -20.46 -2.51
C ASP B 232 4.86 -19.58 -1.75
N VAL B 233 6.11 -20.02 -1.65
CA VAL B 233 7.16 -19.25 -0.97
C VAL B 233 8.22 -18.89 -2.00
N VAL B 234 8.63 -17.62 -2.06
CA VAL B 234 9.58 -17.13 -3.07
C VAL B 234 10.99 -16.82 -2.49
N ASP B 235 12.02 -16.92 -3.34
CA ASP B 235 13.42 -16.61 -3.02
C ASP B 235 13.87 -15.48 -3.96
N SER B 236 14.48 -14.43 -3.42
CA SER B 236 14.96 -13.30 -4.21
C SER B 236 16.49 -13.34 -4.33
N LEU B 237 17.04 -13.48 -5.54
CA LEU B 237 18.48 -13.57 -5.75
C LEU B 237 19.02 -12.36 -6.53
N THR B 238 20.16 -11.80 -6.10
CA THR B 238 20.75 -10.63 -6.75
C THR B 238 22.28 -10.77 -6.93
N THR B 239 22.82 -10.25 -8.04
CA THR B 239 24.25 -10.24 -8.32
C THR B 239 24.63 -8.91 -8.98
N THR B 240 25.70 -8.25 -8.51
CA THR B 240 26.12 -6.97 -9.09
C THR B 240 26.81 -7.22 -10.42
N THR B 241 26.21 -6.80 -11.53
CA THR B 241 26.81 -7.01 -12.85
C THR B 241 27.70 -5.86 -13.32
N SER B 242 27.97 -4.87 -12.45
CA SER B 242 28.82 -3.73 -12.80
C SER B 242 30.16 -3.80 -12.04
N ASP B 260 27.33 4.50 -11.24
CA ASP B 260 26.20 3.65 -11.60
C ASP B 260 26.42 2.21 -11.15
N SER B 261 25.35 1.54 -10.72
CA SER B 261 25.42 0.16 -10.27
C SER B 261 24.29 -0.66 -10.85
N GLN B 262 24.62 -1.76 -11.54
CA GLN B 262 23.61 -2.63 -12.13
C GLN B 262 23.54 -3.94 -11.39
N PHE B 263 22.35 -4.53 -11.37
CA PHE B 263 22.14 -5.81 -10.71
C PHE B 263 21.31 -6.74 -11.58
N LEU B 264 21.54 -8.04 -11.44
CA LEU B 264 20.73 -9.06 -12.12
C LEU B 264 19.86 -9.69 -11.05
N HIS B 265 18.56 -9.87 -11.33
CA HIS B 265 17.63 -10.40 -10.32
C HIS B 265 16.93 -11.68 -10.75
N LEU B 266 16.54 -12.51 -9.78
CA LEU B 266 15.82 -13.74 -10.05
C LEU B 266 14.87 -14.07 -8.90
N LEU B 267 13.60 -14.38 -9.22
CA LEU B 267 12.62 -14.79 -8.22
C LEU B 267 12.26 -16.21 -8.55
N ARG B 268 12.42 -17.13 -7.61
CA ARG B 268 12.07 -18.54 -7.84
C ARG B 268 11.37 -19.16 -6.65
N LEU B 269 10.60 -20.24 -6.87
CA LEU B 269 9.91 -20.90 -5.77
C LEU B 269 10.92 -21.58 -4.89
N SER B 270 10.88 -21.26 -3.60
CA SER B 270 11.77 -21.70 -2.52
C SER B 270 12.22 -23.14 -2.61
N GLY B 271 11.31 -24.02 -2.96
CA GLY B 271 11.63 -25.44 -3.04
C GLY B 271 12.21 -25.91 -4.35
N ASP B 272 11.35 -26.05 -5.34
CA ASP B 272 11.66 -26.56 -6.67
C ASP B 272 12.65 -25.71 -7.45
N GLY B 273 12.71 -24.41 -7.18
CA GLY B 273 13.56 -23.52 -7.96
C GLY B 273 12.92 -23.10 -9.27
N GLN B 274 11.58 -23.30 -9.40
CA GLN B 274 10.80 -22.92 -10.58
C GLN B 274 10.81 -21.43 -10.67
N GLU B 275 11.25 -20.91 -11.82
CA GLU B 275 11.37 -19.48 -12.07
C GLU B 275 10.03 -18.83 -12.25
N ILE B 276 9.79 -17.76 -11.49
CA ILE B 276 8.56 -16.99 -11.59
C ILE B 276 8.82 -15.56 -12.14
N ASN B 277 10.07 -15.07 -12.09
CA ASN B 277 10.46 -13.73 -12.51
C ASN B 277 11.98 -13.62 -12.72
N ARG B 278 12.40 -12.60 -13.47
CA ARG B 278 13.79 -12.23 -13.69
C ARG B 278 13.85 -10.74 -14.08
N GLY B 279 14.93 -10.06 -13.69
CA GLY B 279 15.05 -8.63 -13.99
C GLY B 279 16.39 -7.98 -13.82
N THR B 280 16.41 -6.65 -13.96
CA THR B 280 17.60 -5.80 -13.82
C THR B 280 17.20 -4.48 -13.19
N THR B 281 18.09 -3.92 -12.37
CA THR B 281 17.87 -2.60 -11.78
C THR B 281 19.13 -1.76 -11.97
N LEU B 282 18.98 -0.47 -12.25
CA LEU B 282 20.12 0.43 -12.41
C LEU B 282 20.02 1.50 -11.31
N TRP B 283 21.11 1.74 -10.59
CA TRP B 283 21.07 2.70 -9.48
C TRP B 283 22.15 3.78 -9.64
N ARG B 284 21.85 5.05 -9.24
CA ARG B 284 22.77 6.20 -9.31
C ARG B 284 23.18 6.72 -7.90
N LYS B 285 24.39 7.27 -7.76
CA LYS B 285 24.83 7.85 -6.49
C LYS B 285 24.02 9.12 -6.15
N LYS B 286 23.87 9.43 -4.85
CA LYS B 286 23.13 10.61 -4.41
C LYS B 286 23.99 11.88 -4.38
N1 HWH C . -2.22 13.80 18.75
C4 HWH C . -1.16 15.87 19.66
C5 HWH C . -2.28 16.81 19.35
C6 HWH C . -3.12 17.42 20.23
C7 HWH C . -3.73 18.18 18.23
C8 HWH C . -2.65 17.30 18.05
C10 HWH C . -2.80 17.70 15.73
C1 HWH C . -2.25 12.80 16.57
C11 HWH C . -3.88 18.57 15.89
C12 HWH C . -4.38 18.79 17.16
C2 HWH C . -1.50 13.44 17.69
C3 HWH C . -1.62 14.44 19.91
C9 HWH C . -2.17 17.06 16.76
F1 HWH C . -2.36 17.50 14.46
N2 HWH C . -4.00 18.23 19.57
O1 HWH C . -0.28 13.64 17.63
N1 HWH D . -5.18 -3.45 -22.05
C4 HWH D . -6.75 -3.66 -23.93
C5 HWH D . -6.57 -2.38 -24.67
C6 HWH D . -6.08 -2.22 -25.94
C7 HWH D . -6.60 -0.16 -25.25
C8 HWH D . -6.91 -1.07 -24.21
C10 HWH D . -7.66 0.77 -22.95
C1 HWH D . -2.77 -3.53 -22.32
C11 HWH D . -7.35 1.67 -23.95
C12 HWH D . -6.79 1.20 -25.12
C2 HWH D . -4.01 -2.86 -21.79
C3 HWH D . -5.48 -4.16 -23.28
C9 HWH D . -7.47 -0.57 -23.02
F1 HWH D . -8.21 1.29 -21.81
N2 HWH D . -6.08 -0.90 -26.29
O1 HWH D . -3.95 -1.82 -21.15
#